data_5Z33
#
_entry.id   5Z33
#
_cell.length_a   74.549
_cell.length_b   74.549
_cell.length_c   158.561
_cell.angle_alpha   90.00
_cell.angle_beta   90.00
_cell.angle_gamma   120.00
#
_symmetry.space_group_name_H-M   'P 32 2 1'
#
loop_
_entity.id
_entity.type
_entity.pdbx_description
1 polymer 'Mitogen-activated protein kinase'
2 water water
#
_entity_poly.entity_id   1
_entity_poly.type   'polypeptide(L)'
_entity_poly.pdbx_seq_one_letter_code
;MSHHHHHHSMMSDLQGRKIFKVFNQDFIVDERYTVTKELGQGAYGIVCAAVNNQTSEGVAIKKVTNVFSKKILAKRALRE
IKLLQHFRGHRNITCLYDMDIPRPDNFNETYLYEELMECDLAAIIRSGQPLTDAHFQSFIYQILCGLKYIHSANVLHRDL
KPGNLLVNADCELKICDFGLARGFSVDPEENAGYMTEYVATRWYRAPEIMLSFQSYTKAIDVWSVGCILAELLGGRPFFK
GRDYVDQLNQILHILGTPNEETLSRIGSPRAQEYVRNLPFMAKKPFPTLFPNANPDALDLLDRMLAFDPSSRISVEQALE
HPYLHIWHDASDEPDCPTTFNFDFEVVEDVGEMRKMILDEVYRFRQLVRTAPGAGGHGAPHAPQVPIPAGAGQGQWKAED
PRPQEYVGQMNDLEAELAGGLDQRR
;
_entity_poly.pdbx_strand_id   A
#
# COMPACT_ATOMS: atom_id res chain seq x y z
N GLN A 15 -2.83 -16.51 32.32
CA GLN A 15 -3.27 -16.30 30.95
C GLN A 15 -2.93 -14.88 30.45
N GLY A 16 -3.71 -13.90 30.88
CA GLY A 16 -3.49 -12.52 30.50
C GLY A 16 -4.30 -12.03 29.32
N ARG A 17 -5.38 -12.73 28.96
CA ARG A 17 -6.15 -12.41 27.76
C ARG A 17 -7.63 -12.54 28.05
N LYS A 18 -8.43 -11.91 27.18
CA LYS A 18 -9.88 -11.99 27.20
C LYS A 18 -10.39 -12.56 25.88
N ILE A 19 -11.46 -13.35 25.95
CA ILE A 19 -12.12 -13.90 24.77
C ILE A 19 -13.36 -13.07 24.47
N PHE A 20 -13.39 -12.43 23.31
CA PHE A 20 -14.60 -11.82 22.80
C PHE A 20 -15.15 -12.66 21.65
N LYS A 21 -16.42 -12.46 21.35
CA LYS A 21 -17.11 -13.15 20.26
C LYS A 21 -17.41 -12.12 19.18
N VAL A 22 -16.73 -12.23 18.04
CA VAL A 22 -17.05 -11.44 16.86
C VAL A 22 -17.06 -12.36 15.65
N PHE A 23 -18.01 -12.11 14.74
CA PHE A 23 -18.20 -12.94 13.55
C PHE A 23 -18.29 -14.42 13.92
N ASN A 24 -19.03 -14.71 14.99
CA ASN A 24 -19.30 -16.07 15.46
C ASN A 24 -18.03 -16.89 15.64
N GLN A 25 -16.92 -16.24 16.01
CA GLN A 25 -15.68 -16.95 16.31
C GLN A 25 -15.00 -16.28 17.50
N ASP A 26 -14.03 -16.98 18.07
CA ASP A 26 -13.30 -16.45 19.21
C ASP A 26 -12.36 -15.34 18.77
N PHE A 27 -12.35 -14.25 19.55
CA PHE A 27 -11.45 -13.11 19.32
C PHE A 27 -10.71 -12.87 20.64
N ILE A 28 -9.48 -13.37 20.72
CA ILE A 28 -8.73 -13.47 21.97
C ILE A 28 -7.68 -12.38 21.97
N VAL A 29 -7.81 -11.42 22.89
CA VAL A 29 -6.98 -10.21 22.88
C VAL A 29 -6.28 -10.03 24.23
N ASP A 30 -5.27 -9.15 24.21
CA ASP A 30 -4.56 -8.69 25.38
C ASP A 30 -5.52 -8.12 26.42
N GLU A 31 -5.37 -8.54 27.67
CA GLU A 31 -6.32 -8.14 28.71
C GLU A 31 -6.34 -6.64 28.97
N ARG A 32 -5.38 -5.89 28.43
CA ARG A 32 -5.41 -4.44 28.60
C ARG A 32 -6.44 -3.76 27.68
N TYR A 33 -7.13 -4.51 26.82
CA TYR A 33 -8.03 -3.93 25.83
C TYR A 33 -9.46 -4.40 26.06
N THR A 34 -10.41 -3.59 25.59
CA THR A 34 -11.81 -4.02 25.41
C THR A 34 -12.16 -3.85 23.94
N VAL A 35 -12.60 -4.95 23.32
CA VAL A 35 -13.03 -4.90 21.93
C VAL A 35 -14.36 -4.17 21.86
N THR A 36 -14.40 -3.04 21.16
CA THR A 36 -15.58 -2.18 21.15
C THR A 36 -16.48 -2.46 19.96
N LYS A 37 -15.96 -2.32 18.75
CA LYS A 37 -16.78 -2.39 17.55
C LYS A 37 -16.14 -3.29 16.52
N GLU A 38 -16.98 -4.04 15.80
CA GLU A 38 -16.51 -4.82 14.67
C GLU A 38 -16.28 -3.91 13.47
N LEU A 39 -15.18 -4.15 12.76
CA LEU A 39 -14.95 -3.53 11.48
C LEU A 39 -15.09 -4.61 10.40
N GLY A 40 -14.46 -4.40 9.25
CA GLY A 40 -14.63 -5.30 8.14
C GLY A 40 -14.13 -6.71 8.40
N GLN A 41 -14.53 -7.61 7.51
CA GLN A 41 -14.05 -8.98 7.48
C GLN A 41 -13.73 -9.35 6.04
N GLY A 42 -12.51 -9.80 5.78
CA GLY A 42 -12.10 -10.27 4.48
C GLY A 42 -11.92 -11.78 4.45
N ALA A 43 -11.33 -12.24 3.34
CA ALA A 43 -10.99 -13.65 3.22
C ALA A 43 -9.71 -14.01 3.95
N TYR A 44 -8.97 -13.02 4.44
CA TYR A 44 -7.72 -13.27 5.12
C TYR A 44 -7.72 -12.89 6.58
N GLY A 45 -8.80 -12.29 7.08
CA GLY A 45 -8.87 -11.96 8.48
C GLY A 45 -10.10 -11.14 8.82
N ILE A 46 -10.25 -10.90 10.12
CA ILE A 46 -11.29 -10.03 10.65
C ILE A 46 -10.64 -8.91 11.46
N VAL A 47 -11.25 -7.73 11.40
CA VAL A 47 -10.70 -6.53 12.02
C VAL A 47 -11.74 -5.97 12.99
N CYS A 48 -11.28 -5.57 14.18
CA CYS A 48 -12.14 -4.95 15.17
C CYS A 48 -11.43 -3.75 15.77
N ALA A 49 -12.23 -2.85 16.32
CA ALA A 49 -11.72 -1.70 17.06
C ALA A 49 -11.71 -2.04 18.55
N ALA A 50 -10.70 -1.55 19.25
CA ALA A 50 -10.54 -1.82 20.66
C ALA A 50 -10.07 -0.56 21.37
N VAL A 51 -10.11 -0.59 22.70
CA VAL A 51 -9.69 0.54 23.53
C VAL A 51 -8.77 0.00 24.62
N ASN A 52 -7.61 0.63 24.77
CA ASN A 52 -6.72 0.35 25.88
C ASN A 52 -7.35 0.89 27.16
N ASN A 53 -7.81 -0.01 28.04
CA ASN A 53 -8.63 0.40 29.16
C ASN A 53 -7.90 1.37 30.08
N GLN A 54 -6.57 1.32 30.12
CA GLN A 54 -5.82 2.19 31.01
C GLN A 54 -5.45 3.51 30.34
N THR A 55 -4.78 3.46 29.18
CA THR A 55 -4.41 4.69 28.49
C THR A 55 -5.61 5.37 27.84
N SER A 56 -6.71 4.65 27.64
CA SER A 56 -7.88 5.08 26.86
C SER A 56 -7.57 5.21 25.37
N GLU A 57 -6.40 4.76 24.93
CA GLU A 57 -6.01 4.89 23.53
C GLU A 57 -6.77 3.89 22.67
N GLY A 58 -7.16 4.32 21.47
CA GLY A 58 -7.81 3.44 20.53
C GLY A 58 -6.81 2.67 19.68
N VAL A 59 -7.21 1.47 19.27
CA VAL A 59 -6.36 0.60 18.49
C VAL A 59 -7.24 -0.25 17.58
N ALA A 60 -6.67 -0.69 16.45
CA ALA A 60 -7.31 -1.71 15.62
C ALA A 60 -6.63 -3.04 15.88
N ILE A 61 -7.43 -4.09 16.06
CA ILE A 61 -6.90 -5.44 16.23
C ILE A 61 -7.36 -6.28 15.04
N LYS A 62 -6.40 -6.79 14.29
CA LYS A 62 -6.65 -7.61 13.13
C LYS A 62 -6.31 -9.05 13.48
N LYS A 63 -7.24 -9.97 13.25
CA LYS A 63 -6.96 -11.39 13.42
C LYS A 63 -6.76 -11.97 12.03
N VAL A 64 -5.52 -12.35 11.72
CA VAL A 64 -5.24 -13.06 10.47
C VAL A 64 -5.65 -14.51 10.66
N THR A 65 -6.58 -14.98 9.82
CA THR A 65 -7.31 -16.21 10.08
C THR A 65 -6.81 -17.37 9.23
N ASN A 66 -7.03 -18.58 9.75
CA ASN A 66 -6.78 -19.83 9.03
C ASN A 66 -5.40 -19.87 8.39
N VAL A 67 -4.40 -19.40 9.13
CA VAL A 67 -3.07 -19.13 8.58
C VAL A 67 -2.44 -20.37 7.97
N PHE A 68 -2.68 -21.55 8.56
CA PHE A 68 -2.04 -22.77 8.09
C PHE A 68 -3.04 -23.69 7.38
N SER A 69 -4.04 -23.10 6.72
CA SER A 69 -4.94 -23.86 5.87
C SER A 69 -4.30 -24.19 4.53
N LYS A 70 -3.69 -23.20 3.89
CA LYS A 70 -3.00 -23.34 2.62
C LYS A 70 -1.61 -22.74 2.75
N LYS A 71 -0.64 -23.35 2.05
CA LYS A 71 0.71 -22.79 2.00
C LYS A 71 0.68 -21.33 1.58
N ILE A 72 -0.15 -21.01 0.60
CA ILE A 72 -0.24 -19.63 0.10
C ILE A 72 -0.65 -18.66 1.20
N LEU A 73 -1.53 -19.11 2.11
CA LEU A 73 -2.05 -18.23 3.15
C LEU A 73 -1.02 -17.96 4.24
N ALA A 74 -0.20 -18.96 4.57
CA ALA A 74 0.81 -18.72 5.58
C ALA A 74 1.99 -17.94 5.01
N LYS A 75 2.31 -18.15 3.72
CA LYS A 75 3.25 -17.25 3.05
C LYS A 75 2.75 -15.81 3.07
N ARG A 76 1.46 -15.62 2.79
CA ARG A 76 0.86 -14.30 2.84
C ARG A 76 0.97 -13.68 4.23
N ALA A 77 0.64 -14.45 5.27
CA ALA A 77 0.70 -13.92 6.63
C ALA A 77 2.13 -13.55 6.99
N LEU A 78 3.08 -14.43 6.67
CA LEU A 78 4.48 -14.14 6.93
C LEU A 78 4.90 -12.87 6.21
N ARG A 79 4.46 -12.71 4.96
CA ARG A 79 4.86 -11.54 4.18
C ARG A 79 4.28 -10.25 4.76
N GLU A 80 3.01 -10.28 5.17
CA GLU A 80 2.41 -9.08 5.74
C GLU A 80 3.08 -8.73 7.06
N ILE A 81 3.41 -9.75 7.84
CA ILE A 81 3.98 -9.51 9.16
C ILE A 81 5.35 -8.86 9.05
N LYS A 82 6.19 -9.37 8.15
CA LYS A 82 7.53 -8.82 7.99
C LYS A 82 7.49 -7.42 7.39
N LEU A 83 6.62 -7.20 6.41
CA LEU A 83 6.61 -5.89 5.76
C LEU A 83 6.03 -4.82 6.67
N LEU A 84 4.96 -5.12 7.41
CA LEU A 84 4.45 -4.15 8.38
C LEU A 84 5.53 -3.75 9.37
N GLN A 85 6.37 -4.71 9.79
CA GLN A 85 7.47 -4.34 10.67
C GLN A 85 8.47 -3.42 9.98
N HIS A 86 8.79 -3.70 8.71
CA HIS A 86 9.81 -2.91 8.03
C HIS A 86 9.37 -1.46 7.84
N PHE A 87 8.06 -1.22 7.69
CA PHE A 87 7.52 0.10 7.37
C PHE A 87 6.90 0.80 8.57
N ARG A 88 7.18 0.31 9.76
CA ARG A 88 6.67 0.91 10.99
C ARG A 88 7.21 2.32 11.13
N GLY A 89 6.35 3.24 11.54
CA GLY A 89 6.78 4.60 11.83
C GLY A 89 6.61 5.62 10.72
N HIS A 90 6.05 5.25 9.58
CA HIS A 90 5.81 6.24 8.54
C HIS A 90 4.40 6.79 8.66
N ARG A 91 4.28 8.12 8.50
CA ARG A 91 3.00 8.81 8.67
C ARG A 91 1.92 8.30 7.73
N ASN A 92 2.30 7.83 6.55
CA ASN A 92 1.32 7.43 5.54
C ASN A 92 1.30 5.94 5.32
N ILE A 93 1.72 5.16 6.31
CA ILE A 93 1.65 3.71 6.26
C ILE A 93 1.09 3.25 7.59
N THR A 94 0.16 2.28 7.57
CA THR A 94 -0.46 1.82 8.81
C THR A 94 0.61 1.29 9.77
N CYS A 95 0.58 1.77 11.01
CA CYS A 95 1.66 1.52 11.95
C CYS A 95 1.29 0.34 12.85
N LEU A 96 2.11 -0.71 12.79
CA LEU A 96 1.96 -1.87 13.65
C LEU A 96 2.48 -1.54 15.05
N TYR A 97 1.67 -1.83 16.09
CA TYR A 97 2.00 -1.58 17.49
C TYR A 97 2.48 -2.82 18.24
N ASP A 98 1.93 -3.99 17.93
CA ASP A 98 2.14 -5.18 18.74
C ASP A 98 1.58 -6.36 17.96
N MET A 99 2.00 -7.57 18.35
CA MET A 99 1.48 -8.80 17.77
C MET A 99 1.30 -9.82 18.89
N ASP A 100 0.42 -10.81 18.67
CA ASP A 100 0.14 -11.80 19.70
C ASP A 100 -0.32 -13.12 19.06
N ILE A 101 0.14 -14.23 19.64
CA ILE A 101 -0.32 -15.57 19.27
C ILE A 101 -0.85 -16.22 20.53
N PRO A 102 -2.16 -16.14 20.78
CA PRO A 102 -2.71 -16.58 22.07
C PRO A 102 -2.53 -18.05 22.40
N ARG A 103 -2.60 -18.94 21.42
CA ARG A 103 -2.53 -20.38 21.68
C ARG A 103 -1.40 -20.98 20.85
N PRO A 104 -0.15 -20.69 21.20
CA PRO A 104 0.96 -21.04 20.31
C PRO A 104 1.12 -22.53 20.06
N ASP A 105 0.64 -23.39 20.95
CA ASP A 105 0.81 -24.82 20.73
C ASP A 105 0.15 -25.25 19.43
N ASN A 106 -1.15 -24.98 19.30
CA ASN A 106 -1.87 -25.24 18.06
C ASN A 106 -2.56 -23.94 17.66
N PHE A 107 -1.79 -23.02 17.09
CA PHE A 107 -2.35 -21.77 16.63
C PHE A 107 -2.54 -21.81 15.12
N ASN A 108 -3.62 -21.18 14.67
CA ASN A 108 -3.91 -21.01 13.26
C ASN A 108 -4.36 -19.59 12.98
N GLU A 109 -3.79 -18.64 13.73
CA GLU A 109 -4.14 -17.23 13.59
C GLU A 109 -3.06 -16.40 14.28
N THR A 110 -2.95 -15.15 13.85
CA THR A 110 -2.08 -14.19 14.49
C THR A 110 -2.80 -12.87 14.63
N TYR A 111 -2.59 -12.18 15.75
CA TYR A 111 -3.25 -10.91 15.99
C TYR A 111 -2.26 -9.77 15.78
N LEU A 112 -2.68 -8.80 14.99
CA LEU A 112 -1.89 -7.60 14.73
C LEU A 112 -2.61 -6.43 15.37
N TYR A 113 -1.91 -5.71 16.23
CA TYR A 113 -2.42 -4.52 16.89
C TYR A 113 -1.83 -3.34 16.15
N GLU A 114 -2.69 -2.44 15.66
CA GLU A 114 -2.17 -1.35 14.85
C GLU A 114 -2.98 -0.08 15.07
N GLU A 115 -2.48 0.99 14.47
CA GLU A 115 -3.12 2.30 14.50
C GLU A 115 -4.58 2.21 14.05
N LEU A 116 -5.47 2.83 14.83
CA LEU A 116 -6.90 2.78 14.55
C LEU A 116 -7.27 3.90 13.57
N MET A 117 -7.84 3.52 12.44
CA MET A 117 -8.32 4.50 11.46
C MET A 117 -9.84 4.46 11.42
N GLU A 118 -10.43 5.44 10.72
CA GLU A 118 -11.88 5.56 10.75
C GLU A 118 -12.55 4.66 9.71
N CYS A 119 -12.10 4.72 8.47
CA CYS A 119 -12.67 3.92 7.39
C CYS A 119 -11.63 3.91 6.28
N ASP A 120 -11.96 3.36 5.12
CA ASP A 120 -11.04 3.42 4.01
C ASP A 120 -11.53 4.41 2.96
N LEU A 121 -10.66 4.71 1.99
CA LEU A 121 -11.00 5.70 0.97
C LEU A 121 -12.15 5.22 0.09
N ALA A 122 -12.26 3.90 -0.13
CA ALA A 122 -13.40 3.39 -0.88
C ALA A 122 -14.71 3.76 -0.21
N ALA A 123 -14.75 3.71 1.13
CA ALA A 123 -15.98 4.07 1.84
C ALA A 123 -16.30 5.55 1.64
N ILE A 124 -15.28 6.41 1.71
CA ILE A 124 -15.52 7.84 1.54
C ILE A 124 -16.11 8.11 0.16
N ILE A 125 -15.53 7.51 -0.86
CA ILE A 125 -16.04 7.67 -2.21
C ILE A 125 -17.44 7.10 -2.33
N ARG A 126 -17.66 5.92 -1.76
CA ARG A 126 -18.98 5.29 -1.80
C ARG A 126 -20.03 6.18 -1.14
N SER A 127 -19.66 6.87 -0.06
CA SER A 127 -20.61 7.72 0.66
C SER A 127 -21.12 8.86 -0.19
N GLY A 128 -20.36 9.27 -1.22
CA GLY A 128 -20.73 10.42 -2.01
C GLY A 128 -20.52 11.75 -1.32
N GLN A 129 -19.85 11.80 -0.17
CA GLN A 129 -19.67 13.07 0.48
C GLN A 129 -18.80 13.99 -0.38
N PRO A 130 -19.08 15.29 -0.41
CA PRO A 130 -18.35 16.18 -1.33
C PRO A 130 -16.88 16.23 -0.98
N LEU A 131 -16.04 16.05 -1.99
CA LEU A 131 -14.59 16.19 -1.87
C LEU A 131 -14.13 17.35 -2.73
N THR A 132 -13.19 18.16 -2.22
CA THR A 132 -12.68 19.28 -2.97
C THR A 132 -11.39 18.89 -3.69
N ASP A 133 -10.98 19.74 -4.64
CA ASP A 133 -9.67 19.54 -5.26
C ASP A 133 -8.55 19.43 -4.23
N ALA A 134 -8.64 20.22 -3.16
CA ALA A 134 -7.64 20.13 -2.09
C ALA A 134 -7.64 18.77 -1.41
N HIS A 135 -8.82 18.15 -1.26
CA HIS A 135 -8.85 16.78 -0.74
C HIS A 135 -8.08 15.85 -1.67
N PHE A 136 -8.33 15.95 -2.98
CA PHE A 136 -7.64 15.09 -3.95
C PHE A 136 -6.14 15.29 -3.88
N GLN A 137 -5.68 16.55 -3.92
CA GLN A 137 -4.26 16.81 -3.74
C GLN A 137 -3.73 16.11 -2.51
N SER A 138 -4.43 16.30 -1.39
CA SER A 138 -3.91 15.78 -0.13
C SER A 138 -3.81 14.27 -0.18
N PHE A 139 -4.89 13.60 -0.63
CA PHE A 139 -4.91 12.15 -0.74
C PHE A 139 -3.81 11.64 -1.68
N ILE A 140 -3.67 12.24 -2.87
CA ILE A 140 -2.64 11.76 -3.80
C ILE A 140 -1.25 12.01 -3.23
N TYR A 141 -1.04 13.20 -2.63
CA TYR A 141 0.25 13.49 -2.02
C TYR A 141 0.62 12.46 -0.96
N GLN A 142 -0.34 12.11 -0.10
CA GLN A 142 -0.06 11.20 1.00
C GLN A 142 0.24 9.78 0.50
N ILE A 143 -0.52 9.31 -0.50
CA ILE A 143 -0.23 8.04 -1.13
C ILE A 143 1.20 8.03 -1.66
N LEU A 144 1.55 9.08 -2.42
CA LEU A 144 2.88 9.15 -3.01
C LEU A 144 3.98 9.19 -1.94
N CYS A 145 3.76 9.87 -0.82
CA CYS A 145 4.78 9.87 0.23
C CYS A 145 5.02 8.45 0.76
N GLY A 146 3.92 7.75 1.08
CA GLY A 146 4.05 6.37 1.54
C GLY A 146 4.67 5.48 0.49
N LEU A 147 4.29 5.68 -0.77
CA LEU A 147 4.84 4.86 -1.85
C LEU A 147 6.33 5.11 -2.03
N LYS A 148 6.77 6.38 -1.93
CA LYS A 148 8.19 6.67 -2.00
C LYS A 148 8.96 5.88 -0.95
N TYR A 149 8.41 5.80 0.25
CA TYR A 149 9.05 5.06 1.33
C TYR A 149 9.12 3.58 0.99
N ILE A 150 7.98 3.01 0.57
CA ILE A 150 7.91 1.59 0.22
C ILE A 150 8.87 1.29 -0.93
N HIS A 151 8.82 2.11 -1.99
CA HIS A 151 9.68 1.83 -3.14
C HIS A 151 11.14 1.94 -2.76
N SER A 152 11.49 2.86 -1.84
CA SER A 152 12.89 3.05 -1.46
C SER A 152 13.47 1.82 -0.78
N ALA A 153 12.62 0.94 -0.25
CA ALA A 153 13.04 -0.34 0.31
C ALA A 153 13.07 -1.44 -0.74
N ASN A 154 12.87 -1.09 -2.01
CA ASN A 154 12.79 -2.04 -3.13
C ASN A 154 11.64 -3.01 -2.95
N VAL A 155 10.48 -2.48 -2.57
CA VAL A 155 9.24 -3.24 -2.43
C VAL A 155 8.20 -2.61 -3.34
N LEU A 156 7.50 -3.46 -4.11
CA LEU A 156 6.33 -3.05 -4.88
C LEU A 156 5.10 -3.41 -4.07
N HIS A 157 4.17 -2.46 -3.92
CA HIS A 157 2.97 -2.77 -3.13
C HIS A 157 2.04 -3.68 -3.90
N ARG A 158 1.85 -3.40 -5.20
CA ARG A 158 1.11 -4.20 -6.17
C ARG A 158 -0.40 -4.15 -6.03
N ASP A 159 -0.96 -3.71 -4.91
CA ASP A 159 -2.43 -3.74 -4.78
C ASP A 159 -2.99 -2.41 -4.26
N LEU A 160 -2.47 -1.30 -4.76
CA LEU A 160 -3.00 0.00 -4.33
C LEU A 160 -4.38 0.22 -4.92
N LYS A 161 -5.34 0.61 -4.06
CA LYS A 161 -6.72 0.88 -4.47
C LYS A 161 -7.39 1.57 -3.29
N PRO A 162 -8.57 2.21 -3.48
CA PRO A 162 -9.15 2.96 -2.36
C PRO A 162 -9.43 2.11 -1.15
N GLY A 163 -9.75 0.83 -1.35
CA GLY A 163 -10.00 -0.07 -0.24
C GLY A 163 -8.78 -0.39 0.59
N ASN A 164 -7.57 -0.20 0.07
CA ASN A 164 -6.35 -0.40 0.84
C ASN A 164 -5.74 0.91 1.30
N LEU A 165 -6.56 1.96 1.42
CA LEU A 165 -6.09 3.26 1.89
C LEU A 165 -7.00 3.67 3.03
N LEU A 166 -6.46 3.66 4.24
CA LEU A 166 -7.18 4.00 5.45
C LEU A 166 -7.14 5.50 5.68
N VAL A 167 -8.25 6.04 6.21
CA VAL A 167 -8.41 7.47 6.43
C VAL A 167 -9.04 7.68 7.79
N ASN A 168 -8.68 8.78 8.46
CA ASN A 168 -9.36 9.13 9.71
C ASN A 168 -10.09 10.46 9.53
N ALA A 169 -10.75 10.92 10.59
CA ALA A 169 -11.58 12.12 10.49
C ALA A 169 -10.75 13.35 10.11
N ASP A 170 -9.46 13.37 10.46
CA ASP A 170 -8.60 14.49 10.09
C ASP A 170 -8.12 14.38 8.64
N CYS A 171 -8.69 13.47 7.86
CA CYS A 171 -8.31 13.19 6.48
C CYS A 171 -6.82 12.87 6.35
N GLU A 172 -6.25 12.21 7.37
CA GLU A 172 -4.94 11.57 7.24
C GLU A 172 -5.11 10.21 6.58
N LEU A 173 -4.17 9.84 5.73
CA LEU A 173 -4.27 8.66 4.88
C LEU A 173 -3.06 7.76 5.12
N LYS A 174 -3.31 6.46 5.19
CA LYS A 174 -2.26 5.48 5.44
C LYS A 174 -2.45 4.26 4.53
N ILE A 175 -1.41 3.88 3.82
CA ILE A 175 -1.45 2.68 3.01
C ILE A 175 -1.52 1.46 3.92
N CYS A 176 -2.30 0.45 3.54
CA CYS A 176 -2.31 -0.80 4.28
C CYS A 176 -2.27 -1.98 3.30
N ASP A 177 -2.28 -3.17 3.88
CA ASP A 177 -2.33 -4.47 3.20
C ASP A 177 -1.12 -4.75 2.29
N PHE A 178 -0.08 -5.34 2.87
CA PHE A 178 1.13 -5.71 2.16
C PHE A 178 1.15 -7.19 1.78
N GLY A 179 -0.01 -7.83 1.72
CA GLY A 179 -0.06 -9.25 1.47
C GLY A 179 0.27 -9.66 0.06
N LEU A 180 0.24 -8.70 -0.88
CA LEU A 180 0.56 -8.98 -2.27
C LEU A 180 1.89 -8.36 -2.70
N ALA A 181 2.59 -7.70 -1.78
CA ALA A 181 3.80 -6.97 -2.12
C ALA A 181 4.88 -7.90 -2.67
N ARG A 182 5.72 -7.36 -3.53
CA ARG A 182 6.72 -8.15 -4.22
C ARG A 182 8.02 -7.36 -4.26
N GLY A 183 9.13 -8.08 -4.34
CA GLY A 183 10.41 -7.42 -4.47
C GLY A 183 10.60 -6.82 -5.86
N PHE A 184 11.58 -5.92 -5.93
CA PHE A 184 12.03 -5.33 -7.19
C PHE A 184 13.54 -5.19 -7.11
N SER A 185 14.21 -5.32 -8.25
CA SER A 185 15.67 -5.25 -8.27
C SER A 185 16.15 -4.62 -9.58
N VAL A 186 17.44 -4.26 -9.60
CA VAL A 186 18.07 -3.76 -10.82
C VAL A 186 18.22 -4.86 -11.86
N ASP A 187 18.22 -6.14 -11.44
CA ASP A 187 18.24 -7.28 -12.35
C ASP A 187 16.96 -7.31 -13.17
N PRO A 188 16.73 -8.30 -14.06
CA PRO A 188 16.90 -9.69 -14.51
C PRO A 188 16.77 -10.79 -13.46
N GLU A 189 17.86 -11.52 -13.19
CA GLU A 189 17.78 -12.76 -12.42
C GLU A 189 16.99 -12.56 -11.14
N GLU A 190 17.27 -11.48 -10.41
CA GLU A 190 16.60 -11.24 -9.14
C GLU A 190 15.14 -10.85 -9.33
N ASN A 191 14.85 -9.97 -10.30
CA ASN A 191 13.48 -9.53 -10.53
C ASN A 191 12.58 -10.71 -10.91
N ALA A 192 13.02 -11.53 -11.87
CA ALA A 192 12.23 -12.68 -12.27
C ALA A 192 12.07 -13.68 -11.14
N GLY A 193 12.99 -13.72 -10.19
CA GLY A 193 12.90 -14.64 -9.08
C GLY A 193 11.89 -14.25 -8.02
N TYR A 194 11.46 -12.99 -8.00
CA TYR A 194 10.52 -12.53 -6.98
C TYR A 194 9.14 -13.16 -7.19
N MET A 195 8.55 -13.65 -6.10
CA MET A 195 7.34 -14.46 -6.15
C MET A 195 6.09 -13.60 -6.03
N THR A 196 5.04 -14.00 -6.75
CA THR A 196 3.73 -13.35 -6.74
C THR A 196 2.67 -14.42 -6.63
N GLU A 197 2.13 -14.67 -5.43
CA GLU A 197 1.11 -15.70 -5.30
C GLU A 197 -0.25 -15.19 -5.78
N TYR A 198 -0.72 -14.08 -5.23
CA TYR A 198 -2.04 -13.58 -5.57
C TYR A 198 -1.96 -12.57 -6.71
N VAL A 199 -3.03 -12.50 -7.47
CA VAL A 199 -3.18 -11.50 -8.52
C VAL A 199 -3.85 -10.28 -7.91
N ALA A 200 -3.37 -9.09 -8.29
CA ALA A 200 -3.91 -7.86 -7.71
C ALA A 200 -5.32 -7.60 -8.23
N THR A 201 -5.92 -6.52 -7.74
CA THR A 201 -7.29 -6.20 -8.08
C THR A 201 -7.39 -5.68 -9.51
N ARG A 202 -8.28 -6.29 -10.31
CA ARG A 202 -8.25 -6.10 -11.76
C ARG A 202 -8.36 -4.63 -12.16
N TRP A 203 -9.29 -3.89 -11.56
CA TRP A 203 -9.54 -2.52 -12.01
C TRP A 203 -8.35 -1.59 -11.85
N TYR A 204 -7.42 -1.89 -10.94
CA TYR A 204 -6.30 -1.00 -10.66
C TYR A 204 -4.96 -1.53 -11.18
N ARG A 205 -4.96 -2.65 -11.92
CA ARG A 205 -3.71 -3.30 -12.27
C ARG A 205 -3.14 -2.72 -13.56
N ALA A 206 -1.83 -2.42 -13.54
CA ALA A 206 -1.16 -1.82 -14.68
C ALA A 206 -1.29 -2.68 -15.93
N PRO A 207 -1.47 -2.07 -17.11
CA PRO A 207 -1.68 -2.87 -18.32
C PRO A 207 -0.46 -3.66 -18.76
N GLU A 208 0.76 -3.20 -18.47
CA GLU A 208 1.93 -3.96 -18.88
C GLU A 208 1.97 -5.35 -18.25
N ILE A 209 1.22 -5.56 -17.15
CA ILE A 209 1.20 -6.86 -16.51
C ILE A 209 0.41 -7.87 -17.35
N MET A 210 -0.83 -7.54 -17.70
CA MET A 210 -1.64 -8.47 -18.47
C MET A 210 -1.15 -8.59 -19.91
N LEU A 211 -0.34 -7.64 -20.39
CA LEU A 211 0.22 -7.68 -21.74
C LEU A 211 1.63 -8.25 -21.77
N SER A 212 2.14 -8.76 -20.64
CA SER A 212 3.44 -9.40 -20.56
C SER A 212 4.56 -8.53 -21.14
N PHE A 213 4.67 -7.32 -20.60
CA PHE A 213 5.83 -6.51 -20.95
C PHE A 213 7.12 -7.09 -20.41
N GLN A 214 7.05 -8.05 -19.47
CA GLN A 214 8.21 -8.51 -18.70
C GLN A 214 9.06 -7.34 -18.25
N SER A 215 8.35 -6.23 -17.98
CA SER A 215 8.90 -5.02 -17.38
C SER A 215 8.09 -4.83 -16.09
N TYR A 216 8.46 -5.59 -15.05
CA TYR A 216 7.84 -5.40 -13.73
C TYR A 216 8.68 -4.37 -12.99
N THR A 217 8.19 -3.13 -12.97
CA THR A 217 8.89 -2.01 -12.39
C THR A 217 8.00 -1.30 -11.38
N LYS A 218 8.58 -0.33 -10.70
CA LYS A 218 7.84 0.55 -9.80
C LYS A 218 6.71 1.29 -10.51
N ALA A 219 6.76 1.38 -11.85
CA ALA A 219 5.68 2.02 -12.60
C ALA A 219 4.33 1.34 -12.37
N ILE A 220 4.32 0.06 -12.00
CA ILE A 220 3.04 -0.62 -11.83
C ILE A 220 2.24 0.01 -10.69
N ASP A 221 2.92 0.51 -9.64
CA ASP A 221 2.21 1.16 -8.53
C ASP A 221 1.76 2.56 -8.91
N VAL A 222 2.58 3.26 -9.69
CA VAL A 222 2.17 4.59 -10.17
C VAL A 222 0.87 4.49 -10.95
N TRP A 223 0.75 3.49 -11.82
CA TRP A 223 -0.50 3.31 -12.56
C TRP A 223 -1.70 3.27 -11.62
N SER A 224 -1.59 2.52 -10.52
CA SER A 224 -2.72 2.40 -9.62
C SER A 224 -3.07 3.73 -8.97
N VAL A 225 -2.05 4.53 -8.65
CA VAL A 225 -2.32 5.87 -8.11
C VAL A 225 -3.10 6.70 -9.12
N GLY A 226 -2.71 6.62 -10.41
CA GLY A 226 -3.49 7.28 -11.46
C GLY A 226 -4.95 6.84 -11.45
N CYS A 227 -5.18 5.53 -11.34
CA CYS A 227 -6.56 5.02 -11.27
C CYS A 227 -7.31 5.59 -10.07
N ILE A 228 -6.62 5.75 -8.95
CA ILE A 228 -7.24 6.31 -7.75
C ILE A 228 -7.61 7.78 -7.98
N LEU A 229 -6.69 8.55 -8.57
CA LEU A 229 -6.99 9.95 -8.87
C LEU A 229 -8.18 10.07 -9.82
N ALA A 230 -8.17 9.25 -10.87
CA ALA A 230 -9.31 9.25 -11.77
C ALA A 230 -10.60 8.86 -11.03
N GLU A 231 -10.48 7.94 -10.06
CA GLU A 231 -11.67 7.51 -9.32
C GLU A 231 -12.19 8.65 -8.46
N LEU A 232 -11.29 9.41 -7.84
CA LEU A 232 -11.69 10.57 -7.06
C LEU A 232 -12.36 11.62 -7.94
N LEU A 233 -11.79 11.86 -9.13
CA LEU A 233 -12.29 12.94 -9.98
C LEU A 233 -13.68 12.66 -10.51
N GLY A 234 -14.03 11.39 -10.68
CA GLY A 234 -15.32 11.02 -11.25
C GLY A 234 -16.25 10.37 -10.25
N GLY A 235 -15.76 10.06 -9.05
CA GLY A 235 -16.61 9.45 -8.05
C GLY A 235 -16.99 8.02 -8.34
N ARG A 236 -16.23 7.34 -9.20
CA ARG A 236 -16.56 5.98 -9.61
C ARG A 236 -15.29 5.36 -10.18
N PRO A 237 -15.12 4.05 -10.08
CA PRO A 237 -13.91 3.43 -10.62
C PRO A 237 -13.79 3.76 -12.10
N PHE A 238 -12.58 4.09 -12.53
CA PHE A 238 -12.41 4.65 -13.86
C PHE A 238 -12.32 3.57 -14.94
N PHE A 239 -11.46 2.57 -14.75
CA PHE A 239 -11.35 1.42 -15.63
C PHE A 239 -12.00 0.23 -14.92
N LYS A 240 -13.25 -0.07 -15.25
CA LYS A 240 -14.04 -1.00 -14.46
C LYS A 240 -14.35 -2.25 -15.29
N GLY A 241 -13.30 -3.00 -15.63
CA GLY A 241 -13.48 -4.16 -16.48
C GLY A 241 -14.11 -5.32 -15.74
N ARG A 242 -15.04 -6.02 -16.42
CA ARG A 242 -15.64 -7.20 -15.79
C ARG A 242 -14.78 -8.44 -15.93
N ASP A 243 -13.81 -8.43 -16.85
CA ASP A 243 -12.78 -9.45 -16.97
C ASP A 243 -11.58 -8.79 -17.62
N TYR A 244 -10.55 -9.57 -17.95
CA TYR A 244 -9.30 -8.94 -18.39
C TYR A 244 -9.46 -8.32 -19.79
N VAL A 245 -10.17 -9.00 -20.69
CA VAL A 245 -10.39 -8.47 -22.03
C VAL A 245 -11.15 -7.15 -21.93
N ASP A 246 -12.19 -7.13 -21.12
CA ASP A 246 -12.99 -5.92 -20.95
C ASP A 246 -12.16 -4.82 -20.28
N GLN A 247 -11.26 -5.19 -19.38
CA GLN A 247 -10.35 -4.22 -18.77
C GLN A 247 -9.45 -3.59 -19.82
N LEU A 248 -8.84 -4.44 -20.66
CA LEU A 248 -7.99 -3.91 -21.72
C LEU A 248 -8.79 -3.02 -22.67
N ASN A 249 -10.00 -3.44 -23.05
CA ASN A 249 -10.78 -2.63 -23.99
C ASN A 249 -11.09 -1.26 -23.39
N GLN A 250 -11.43 -1.22 -22.10
CA GLN A 250 -11.78 0.06 -21.48
C GLN A 250 -10.57 0.98 -21.41
N ILE A 251 -9.39 0.43 -21.10
CA ILE A 251 -8.18 1.24 -21.07
C ILE A 251 -7.87 1.79 -22.46
N LEU A 252 -7.92 0.91 -23.48
CA LEU A 252 -7.61 1.35 -24.84
C LEU A 252 -8.61 2.38 -25.33
N HIS A 253 -9.88 2.24 -24.94
CA HIS A 253 -10.89 3.20 -25.38
C HIS A 253 -10.61 4.61 -24.83
N ILE A 254 -9.91 4.73 -23.71
CA ILE A 254 -9.57 6.06 -23.19
C ILE A 254 -8.23 6.55 -23.73
N LEU A 255 -7.20 5.74 -23.54
CA LEU A 255 -5.82 6.13 -23.86
C LEU A 255 -5.52 6.03 -25.35
N GLY A 256 -6.27 5.22 -26.09
CA GLY A 256 -6.16 5.19 -27.54
C GLY A 256 -5.16 4.16 -28.05
N THR A 257 -5.18 3.98 -29.37
CA THR A 257 -4.24 3.13 -30.09
C THR A 257 -2.81 3.45 -29.66
N PRO A 258 -2.06 2.47 -29.18
CA PRO A 258 -0.65 2.73 -28.85
C PRO A 258 0.21 2.70 -30.10
N ASN A 259 1.36 3.38 -30.02
CA ASN A 259 2.24 3.48 -31.17
C ASN A 259 2.90 2.13 -31.46
N GLU A 260 3.71 2.12 -32.52
CA GLU A 260 4.32 0.87 -32.98
C GLU A 260 5.30 0.32 -31.94
N GLU A 261 6.13 1.18 -31.35
CA GLU A 261 7.10 0.71 -30.37
C GLU A 261 6.40 0.05 -29.20
N THR A 262 5.34 0.70 -28.68
CA THR A 262 4.60 0.13 -27.57
C THR A 262 3.94 -1.19 -27.97
N LEU A 263 3.29 -1.19 -29.14
CA LEU A 263 2.68 -2.39 -29.69
C LEU A 263 3.64 -3.57 -29.69
N SER A 264 4.88 -3.35 -30.14
CA SER A 264 5.85 -4.44 -30.22
C SER A 264 6.26 -4.94 -28.85
N ARG A 265 6.04 -4.17 -27.79
CA ARG A 265 6.42 -4.60 -26.46
C ARG A 265 5.43 -5.57 -25.84
N ILE A 266 4.27 -5.79 -26.45
CA ILE A 266 3.32 -6.77 -25.94
C ILE A 266 3.95 -8.15 -26.14
N GLY A 267 4.44 -8.74 -25.05
CA GLY A 267 5.22 -9.97 -25.14
C GLY A 267 4.35 -11.21 -25.15
N SER A 268 3.20 -11.11 -25.81
CA SER A 268 2.18 -12.13 -25.80
C SER A 268 1.48 -12.09 -27.14
N PRO A 269 1.37 -13.22 -27.84
CA PRO A 269 1.01 -13.19 -29.27
C PRO A 269 -0.44 -12.88 -29.53
N ARG A 270 -1.35 -13.55 -28.82
CA ARG A 270 -2.78 -13.29 -29.01
C ARG A 270 -3.10 -11.85 -28.64
N ALA A 271 -2.62 -11.39 -27.48
CA ALA A 271 -2.85 -10.02 -27.06
C ALA A 271 -2.25 -9.03 -28.05
N GLN A 272 -1.04 -9.31 -28.55
CA GLN A 272 -0.44 -8.37 -29.49
C GLN A 272 -1.26 -8.29 -30.77
N GLU A 273 -1.69 -9.44 -31.30
CA GLU A 273 -2.46 -9.40 -32.54
C GLU A 273 -3.87 -8.86 -32.31
N TYR A 274 -4.45 -9.13 -31.14
CA TYR A 274 -5.74 -8.52 -30.81
C TYR A 274 -5.65 -7.00 -30.87
N VAL A 275 -4.66 -6.43 -30.17
CA VAL A 275 -4.56 -4.97 -30.10
C VAL A 275 -4.20 -4.39 -31.47
N ARG A 276 -3.36 -5.10 -32.23
CA ARG A 276 -2.96 -4.62 -33.56
C ARG A 276 -4.14 -4.54 -34.51
N ASN A 277 -5.12 -5.42 -34.38
CA ASN A 277 -6.23 -5.47 -35.33
C ASN A 277 -7.35 -4.49 -35.00
N LEU A 278 -7.36 -3.95 -33.79
CA LEU A 278 -8.44 -3.05 -33.37
C LEU A 278 -8.53 -1.85 -34.31
N PRO A 279 -9.73 -1.30 -34.50
CA PRO A 279 -9.83 -0.04 -35.24
C PRO A 279 -9.06 1.04 -34.52
N PHE A 280 -8.58 2.02 -35.29
CA PHE A 280 -7.92 3.17 -34.66
C PHE A 280 -8.81 3.76 -33.57
N MET A 281 -8.19 4.17 -32.46
CA MET A 281 -8.89 4.79 -31.35
C MET A 281 -8.11 6.04 -30.95
N ALA A 282 -8.76 7.19 -31.02
CA ALA A 282 -8.12 8.43 -30.59
C ALA A 282 -8.13 8.47 -29.07
N LYS A 283 -7.04 8.97 -28.49
CA LYS A 283 -7.03 9.28 -27.08
C LYS A 283 -8.17 10.23 -26.73
N LYS A 284 -8.88 9.94 -25.65
CA LYS A 284 -9.89 10.87 -25.16
C LYS A 284 -9.22 11.79 -24.15
N PRO A 285 -9.06 13.09 -24.46
CA PRO A 285 -8.34 13.97 -23.53
C PRO A 285 -9.06 14.06 -22.19
N PHE A 286 -8.28 13.95 -21.12
CA PHE A 286 -8.86 14.04 -19.79
C PHE A 286 -9.67 15.32 -19.57
N PRO A 287 -9.27 16.49 -20.10
CA PRO A 287 -10.16 17.66 -19.99
C PRO A 287 -11.53 17.43 -20.57
N THR A 288 -11.69 16.54 -21.55
CA THR A 288 -13.03 16.25 -22.05
C THR A 288 -13.80 15.33 -21.12
N LEU A 289 -13.09 14.46 -20.39
CA LEU A 289 -13.76 13.56 -19.45
C LEU A 289 -14.07 14.23 -18.12
N PHE A 290 -13.23 15.17 -17.69
CA PHE A 290 -13.38 15.85 -16.40
C PHE A 290 -13.35 17.35 -16.64
N PRO A 291 -14.40 17.90 -17.24
CA PRO A 291 -14.35 19.31 -17.65
C PRO A 291 -14.32 20.30 -16.49
N ASN A 292 -14.73 19.89 -15.30
CA ASN A 292 -14.73 20.80 -14.16
C ASN A 292 -13.46 20.68 -13.31
N ALA A 293 -12.53 19.81 -13.69
CA ALA A 293 -11.41 19.52 -12.81
C ALA A 293 -10.34 20.61 -12.91
N ASN A 294 -9.45 20.61 -11.93
CA ASN A 294 -8.24 21.42 -11.93
C ASN A 294 -7.35 20.96 -13.09
N PRO A 295 -6.98 21.84 -14.04
CA PRO A 295 -6.09 21.41 -15.14
C PRO A 295 -4.81 20.73 -14.67
N ASP A 296 -4.21 21.19 -13.57
CA ASP A 296 -3.01 20.51 -13.06
C ASP A 296 -3.34 19.09 -12.59
N ALA A 297 -4.53 18.89 -12.01
CA ALA A 297 -4.95 17.52 -11.69
C ALA A 297 -4.95 16.65 -12.93
N LEU A 298 -5.50 17.16 -14.03
CA LEU A 298 -5.59 16.35 -15.24
C LEU A 298 -4.21 16.14 -15.85
N ASP A 299 -3.30 17.11 -15.72
CA ASP A 299 -1.97 16.89 -16.27
C ASP A 299 -1.24 15.79 -15.51
N LEU A 300 -1.29 15.83 -14.17
CA LEU A 300 -0.71 14.76 -13.37
C LEU A 300 -1.37 13.42 -13.71
N LEU A 301 -2.70 13.42 -13.79
CA LEU A 301 -3.43 12.19 -14.15
C LEU A 301 -2.92 11.61 -15.46
N ASP A 302 -2.79 12.45 -16.48
CA ASP A 302 -2.33 11.97 -17.78
C ASP A 302 -0.96 11.31 -17.68
N ARG A 303 -0.07 11.86 -16.84
CA ARG A 303 1.29 11.33 -16.73
C ARG A 303 1.33 10.03 -15.93
N MET A 304 0.43 9.87 -14.94
CA MET A 304 0.38 8.64 -14.16
C MET A 304 -0.31 7.52 -14.93
N LEU A 305 -1.19 7.86 -15.86
CA LEU A 305 -1.86 6.86 -16.67
C LEU A 305 -1.29 6.77 -18.08
N ALA A 306 0.03 6.96 -18.22
CA ALA A 306 0.67 6.62 -19.49
C ALA A 306 0.49 5.14 -19.74
N PHE A 307 0.03 4.78 -20.93
CA PHE A 307 -0.17 3.36 -21.25
C PHE A 307 1.12 2.58 -21.12
N ASP A 308 2.21 3.11 -21.66
CA ASP A 308 3.48 2.40 -21.67
C ASP A 308 4.28 2.80 -20.44
N PRO A 309 4.69 1.86 -19.59
CA PRO A 309 5.39 2.25 -18.35
C PRO A 309 6.65 3.06 -18.59
N SER A 310 7.31 2.90 -19.74
CA SER A 310 8.50 3.70 -20.02
C SER A 310 8.19 5.18 -20.15
N SER A 311 6.93 5.54 -20.41
CA SER A 311 6.54 6.94 -20.51
C SER A 311 5.87 7.45 -19.24
N ARG A 312 5.77 6.63 -18.19
CA ARG A 312 4.94 6.93 -17.03
C ARG A 312 5.75 7.71 -15.99
N ILE A 313 5.14 8.75 -15.42
CA ILE A 313 5.83 9.59 -14.44
C ILE A 313 6.29 8.73 -13.24
N SER A 314 7.43 9.08 -12.66
CA SER A 314 7.87 8.38 -11.46
C SER A 314 7.23 8.98 -10.20
N VAL A 315 7.39 8.28 -9.08
CA VAL A 315 6.88 8.79 -7.82
C VAL A 315 7.54 10.10 -7.44
N GLU A 316 8.86 10.18 -7.61
CA GLU A 316 9.59 11.41 -7.28
C GLU A 316 9.15 12.58 -8.17
N GLN A 317 9.02 12.34 -9.47
CA GLN A 317 8.56 13.39 -10.37
C GLN A 317 7.12 13.80 -10.03
N ALA A 318 6.28 12.84 -9.64
CA ALA A 318 4.91 13.17 -9.27
C ALA A 318 4.88 14.05 -8.02
N LEU A 319 5.71 13.73 -7.04
CA LEU A 319 5.78 14.56 -5.83
C LEU A 319 6.20 15.99 -6.16
N GLU A 320 6.97 16.17 -7.22
CA GLU A 320 7.41 17.49 -7.66
C GLU A 320 6.43 18.18 -8.61
N HIS A 321 5.30 17.54 -8.92
CA HIS A 321 4.39 18.10 -9.93
C HIS A 321 3.69 19.34 -9.38
N PRO A 322 3.41 20.34 -10.22
CA PRO A 322 2.75 21.56 -9.74
C PRO A 322 1.43 21.30 -9.02
N TYR A 323 0.72 20.23 -9.38
CA TYR A 323 -0.53 19.90 -8.69
C TYR A 323 -0.32 19.80 -7.18
N LEU A 324 0.84 19.27 -6.76
CA LEU A 324 1.12 19.01 -5.35
C LEU A 324 2.06 20.03 -4.72
N HIS A 325 2.25 21.20 -5.34
CA HIS A 325 3.30 22.11 -4.88
C HIS A 325 3.03 22.67 -3.49
N ILE A 326 1.77 22.76 -3.07
CA ILE A 326 1.48 23.23 -1.71
C ILE A 326 1.98 22.23 -0.67
N TRP A 327 1.89 20.95 -0.96
CA TRP A 327 2.20 19.90 0.01
C TRP A 327 3.65 19.46 -0.04
N HIS A 328 4.29 19.59 -1.20
CA HIS A 328 5.60 19.00 -1.42
C HIS A 328 6.67 19.70 -0.59
N ASP A 329 7.42 18.90 0.19
CA ASP A 329 8.57 19.39 0.96
C ASP A 329 9.56 18.24 1.00
N ALA A 330 10.61 18.33 0.18
CA ALA A 330 11.53 17.18 0.03
C ALA A 330 12.13 16.78 1.36
N SER A 331 12.42 17.77 2.22
CA SER A 331 12.92 17.49 3.56
C SER A 331 11.91 16.73 4.41
N ASP A 332 10.67 16.58 3.94
CA ASP A 332 9.62 15.91 4.72
C ASP A 332 9.15 14.62 4.07
N GLU A 333 9.92 14.09 3.11
CA GLU A 333 9.52 12.89 2.34
C GLU A 333 10.68 11.90 2.42
N PRO A 334 10.76 11.13 3.50
CA PRO A 334 11.94 10.27 3.74
C PRO A 334 11.98 9.03 2.85
N ASP A 335 13.18 8.47 2.75
CA ASP A 335 13.39 7.14 2.22
C ASP A 335 13.43 6.15 3.39
N CYS A 336 13.16 4.88 3.10
CA CYS A 336 13.37 3.85 4.12
C CYS A 336 14.86 3.65 4.34
N PRO A 337 15.34 3.58 5.59
CA PRO A 337 16.79 3.45 5.82
C PRO A 337 17.40 2.21 5.18
N THR A 338 16.68 1.10 5.06
CA THR A 338 17.23 -0.15 4.54
C THR A 338 16.27 -0.79 3.56
N THR A 339 16.83 -1.54 2.61
CA THR A 339 15.98 -2.33 1.73
C THR A 339 15.44 -3.52 2.48
N PHE A 340 14.33 -4.05 1.97
CA PHE A 340 13.67 -5.20 2.56
C PHE A 340 14.14 -6.47 1.86
N ASN A 341 14.35 -7.53 2.64
CA ASN A 341 14.90 -8.78 2.10
C ASN A 341 13.80 -9.83 1.98
N PHE A 342 13.62 -10.36 0.77
CA PHE A 342 12.59 -11.34 0.47
C PHE A 342 13.10 -12.78 0.48
N ASP A 343 14.23 -13.07 1.15
CA ASP A 343 14.74 -14.44 1.18
C ASP A 343 13.68 -15.43 1.65
N PHE A 344 12.91 -15.04 2.67
CA PHE A 344 11.97 -15.95 3.32
C PHE A 344 11.00 -16.62 2.35
N GLU A 345 10.72 -16.01 1.20
CA GLU A 345 9.69 -16.56 0.33
C GLU A 345 10.09 -17.89 -0.31
N VAL A 346 11.38 -18.21 -0.38
CA VAL A 346 11.78 -19.50 -0.93
C VAL A 346 11.36 -20.66 -0.03
N VAL A 347 10.91 -20.38 1.20
CA VAL A 347 10.48 -21.44 2.10
C VAL A 347 9.21 -22.07 1.58
N GLU A 348 9.20 -23.40 1.48
CA GLU A 348 8.03 -24.13 1.02
C GLU A 348 7.45 -25.09 2.06
N ASP A 349 8.11 -25.29 3.20
CA ASP A 349 7.61 -26.16 4.26
C ASP A 349 6.77 -25.35 5.23
N VAL A 350 5.50 -25.73 5.38
CA VAL A 350 4.60 -24.95 6.24
C VAL A 350 4.99 -25.10 7.71
N GLY A 351 5.64 -26.20 8.08
CA GLY A 351 6.20 -26.30 9.42
C GLY A 351 7.26 -25.25 9.68
N GLU A 352 8.10 -24.97 8.68
CA GLU A 352 9.12 -23.94 8.83
C GLU A 352 8.50 -22.55 8.83
N MET A 353 7.49 -22.33 7.98
CA MET A 353 6.76 -21.06 8.01
C MET A 353 6.13 -20.81 9.38
N ARG A 354 5.63 -21.87 10.01
CA ARG A 354 5.04 -21.73 11.34
C ARG A 354 6.11 -21.27 12.34
N LYS A 355 7.28 -21.91 12.29
CA LYS A 355 8.38 -21.48 13.17
C LYS A 355 8.76 -20.04 12.91
N MET A 356 8.81 -19.63 11.64
CA MET A 356 9.24 -18.27 11.32
C MET A 356 8.25 -17.24 11.84
N ILE A 357 6.96 -17.55 11.76
CA ILE A 357 5.94 -16.61 12.22
C ILE A 357 6.05 -16.42 13.73
N LEU A 358 6.27 -17.51 14.48
CA LEU A 358 6.42 -17.38 15.93
C LEU A 358 7.64 -16.54 16.28
N ASP A 359 8.76 -16.73 15.56
CA ASP A 359 9.94 -15.90 15.81
C ASP A 359 9.68 -14.42 15.54
N GLU A 360 9.00 -14.11 14.42
CA GLU A 360 8.66 -12.71 14.14
C GLU A 360 7.85 -12.10 15.26
N VAL A 361 6.86 -12.83 15.77
CA VAL A 361 5.98 -12.29 16.81
C VAL A 361 6.76 -12.06 18.10
N TYR A 362 7.53 -13.06 18.55
CA TYR A 362 8.20 -12.90 19.83
C TYR A 362 9.32 -11.86 19.75
N ARG A 363 10.03 -11.81 18.63
CA ARG A 363 11.06 -10.78 18.50
C ARG A 363 10.44 -9.39 18.49
N PHE A 364 9.36 -9.20 17.72
CA PHE A 364 8.66 -7.93 17.73
C PHE A 364 8.11 -7.59 19.11
N ARG A 365 7.53 -8.58 19.81
CA ARG A 365 6.96 -8.30 21.13
C ARG A 365 8.01 -7.77 22.09
N GLN A 366 9.21 -8.34 22.07
CA GLN A 366 10.19 -7.80 22.98
C GLN A 366 10.71 -6.44 22.49
N LEU A 367 10.78 -6.24 21.17
CA LEU A 367 11.20 -4.94 20.66
C LEU A 367 10.31 -3.82 21.17
N VAL A 368 9.00 -3.96 21.01
CA VAL A 368 8.11 -2.86 21.34
C VAL A 368 7.94 -2.66 22.83
N ARG A 369 8.42 -3.59 23.65
CA ARG A 369 8.36 -3.46 25.10
C ARG A 369 9.67 -2.95 25.68
N THR A 370 10.61 -2.52 24.85
CA THR A 370 11.88 -1.98 25.32
C THR A 370 11.74 -0.51 25.67
N GLN A 404 24.42 21.73 13.43
CA GLN A 404 24.02 21.54 14.82
C GLN A 404 22.94 22.55 15.23
N GLU A 405 22.12 22.16 16.21
CA GLU A 405 21.02 22.96 16.69
C GLU A 405 21.52 24.08 17.59
N TYR A 406 20.68 25.09 17.77
CA TYR A 406 21.09 26.27 18.53
C TYR A 406 21.41 25.92 19.97
N VAL A 407 20.59 25.06 20.60
CA VAL A 407 20.78 24.69 21.99
C VAL A 407 22.12 23.97 22.19
N GLY A 408 22.46 23.07 21.27
CA GLY A 408 23.74 22.38 21.38
C GLY A 408 24.92 23.32 21.28
N GLN A 409 24.88 24.26 20.32
CA GLN A 409 25.92 25.27 20.21
C GLN A 409 26.05 26.08 21.50
N MET A 410 24.91 26.57 22.02
CA MET A 410 25.00 27.37 23.25
C MET A 410 25.40 26.53 24.45
N ASN A 411 24.95 25.27 24.51
CA ASN A 411 25.39 24.39 25.59
C ASN A 411 26.91 24.28 25.59
N ASP A 412 27.50 24.03 24.42
CA ASP A 412 28.94 23.91 24.33
C ASP A 412 29.63 25.23 24.65
N LEU A 413 29.04 26.34 24.19
CA LEU A 413 29.56 27.66 24.54
C LEU A 413 29.52 27.90 26.03
N GLU A 414 28.35 27.64 26.65
CA GLU A 414 28.19 27.84 28.08
C GLU A 414 29.20 27.04 28.88
N ALA A 415 29.32 25.74 28.58
CA ALA A 415 30.28 24.90 29.30
C ALA A 415 31.69 25.45 29.20
N GLU A 416 32.02 26.04 28.06
CA GLU A 416 33.35 26.56 27.84
C GLU A 416 33.56 27.89 28.59
N LEU A 417 32.54 28.73 28.62
CA LEU A 417 32.62 29.98 29.37
C LEU A 417 32.59 29.76 30.87
N ALA A 418 32.04 28.63 31.33
CA ALA A 418 31.91 28.39 32.77
C ALA A 418 33.24 28.04 33.40
N GLY A 419 34.05 27.24 32.72
CA GLY A 419 35.35 26.86 33.23
C GLY A 419 36.48 27.32 32.32
N GLY A 420 36.44 28.59 31.94
CA GLY A 420 37.52 29.16 31.14
C GLY A 420 38.81 29.25 31.93
N LEU A 421 38.98 30.34 32.66
CA LEU A 421 40.01 30.43 33.68
C LEU A 421 39.52 29.71 34.94
N ASP A 422 40.39 29.65 35.95
CA ASP A 422 40.11 29.01 37.24
C ASP A 422 39.35 27.68 37.14
#